data_6SQM
#
_entry.id   6SQM
#
_cell.length_a   126.800
_cell.length_b   37.600
_cell.length_c   90.460
_cell.angle_alpha   90.000
_cell.angle_beta   116.200
_cell.angle_gamma   90.000
#
_symmetry.space_group_name_H-M   'C 1 2 1'
#
loop_
_entity.id
_entity.type
_entity.pdbx_description
1 polymer 'CREB-binding protein'
2 non-polymer ~{N}-[3-acetamido-5-[(3-methylcinnolin-5-yl)carbamoyl]phenyl]furan-2-carboxamide
3 non-polymer 1,2-ETHANEDIOL
4 water water
#
_entity_poly.entity_id   1
_entity_poly.type   'polypeptide(L)'
_entity_poly.pdbx_seq_one_letter_code
;SMRKKIFKPEELRQALMPTLEALYRQDPESLPFRQPVDPQLLGIPDYFDIVKNPMDLSTIKRKLDTGQYQEPWQYVDDVW
LMFNNAWLYNRKTSRVYKFCSKLAEVFEQEIDPVMQSLG
;
_entity_poly.pdbx_strand_id   A,B,C
#
loop_
_chem_comp.id
_chem_comp.type
_chem_comp.name
_chem_comp.formula
EDO non-polymer 1,2-ETHANEDIOL 'C2 H6 O2'
LU5 non-polymer ~{N}-[3-acetamido-5-[(3-methylcinnolin-5-yl)carbamoyl]phenyl]furan-2-carboxamide 'C23 H19 N5 O4'
#
# COMPACT_ATOMS: atom_id res chain seq x y z
N ILE A 6 -19.84 -18.52 17.54
CA ILE A 6 -21.17 -19.11 17.57
C ILE A 6 -21.81 -18.95 16.19
N PHE A 7 -21.32 -17.99 15.41
CA PHE A 7 -21.81 -17.73 14.06
C PHE A 7 -20.79 -18.23 13.05
N LYS A 8 -21.18 -19.21 12.24
CA LYS A 8 -20.31 -19.66 11.15
C LYS A 8 -20.12 -18.51 10.17
N PRO A 9 -18.88 -18.13 9.85
CA PRO A 9 -18.66 -16.94 9.02
C PRO A 9 -19.35 -17.00 7.67
N GLU A 10 -19.44 -18.19 7.06
CA GLU A 10 -20.11 -18.30 5.77
C GLU A 10 -21.63 -18.16 5.92
N GLU A 11 -22.20 -18.66 7.02
CA GLU A 11 -23.64 -18.51 7.23
C GLU A 11 -23.98 -17.06 7.56
N LEU A 12 -23.16 -16.39 8.36
CA LEU A 12 -23.35 -14.97 8.62
C LEU A 12 -23.24 -14.17 7.34
N ARG A 13 -22.22 -14.47 6.53
CA ARG A 13 -22.03 -13.79 5.26
C ARG A 13 -23.25 -13.94 4.35
N GLN A 14 -23.71 -15.18 4.17
CA GLN A 14 -24.84 -15.38 3.27
C GLN A 14 -26.12 -14.77 3.84
N ALA A 15 -26.25 -14.71 5.17
CA ALA A 15 -27.44 -14.12 5.78
C ALA A 15 -27.44 -12.59 5.64
N LEU A 16 -26.29 -11.95 5.81
CA LEU A 16 -26.24 -10.48 5.82
C LEU A 16 -26.01 -9.88 4.44
N MET A 17 -25.34 -10.59 3.53
CA MET A 17 -25.00 -10.00 2.24
C MET A 17 -26.21 -9.49 1.46
N PRO A 18 -27.35 -10.17 1.44
CA PRO A 18 -28.50 -9.58 0.74
C PRO A 18 -28.82 -8.16 1.20
N THR A 19 -28.71 -7.89 2.50
CA THR A 19 -29.05 -6.55 2.99
C THR A 19 -28.06 -5.51 2.49
N LEU A 20 -26.78 -5.88 2.32
CA LEU A 20 -25.80 -4.97 1.75
C LEU A 20 -26.06 -4.76 0.27
N GLU A 21 -26.32 -5.85 -0.47
CA GLU A 21 -26.68 -5.73 -1.88
C GLU A 21 -27.91 -4.86 -2.09
N ALA A 22 -28.86 -4.89 -1.15
CA ALA A 22 -30.04 -4.05 -1.28
C ALA A 22 -29.68 -2.57 -1.25
N LEU A 23 -28.65 -2.20 -0.50
CA LEU A 23 -28.23 -0.80 -0.48
C LEU A 23 -27.53 -0.43 -1.79
N TYR A 24 -26.59 -1.27 -2.24
CA TYR A 24 -25.96 -1.06 -3.53
C TYR A 24 -26.99 -0.88 -4.65
N ARG A 25 -28.07 -1.65 -4.59
CA ARG A 25 -29.08 -1.60 -5.65
C ARG A 25 -29.79 -0.27 -5.73
N GLN A 26 -29.82 0.50 -4.65
CA GLN A 26 -30.51 1.79 -4.66
C GLN A 26 -29.75 2.77 -5.53
N ASP A 27 -30.42 3.26 -6.55
CA ASP A 27 -29.80 4.08 -7.58
C ASP A 27 -30.78 5.21 -7.83
N PRO A 28 -30.36 6.48 -7.70
CA PRO A 28 -29.01 6.98 -7.46
C PRO A 28 -28.54 7.03 -6.01
N GLU A 29 -29.38 6.61 -5.06
CA GLU A 29 -29.17 6.95 -3.66
C GLU A 29 -27.87 6.39 -3.10
N SER A 30 -27.43 5.22 -3.59
CA SER A 30 -26.22 4.62 -3.06
C SER A 30 -24.96 5.17 -3.71
N LEU A 31 -25.09 5.90 -4.83
CA LEU A 31 -23.90 6.40 -5.51
C LEU A 31 -22.92 7.14 -4.59
N PRO A 32 -23.35 8.03 -3.67
CA PRO A 32 -22.37 8.69 -2.81
C PRO A 32 -21.73 7.77 -1.78
N PHE A 33 -22.22 6.54 -1.63
CA PHE A 33 -21.81 5.66 -0.55
C PHE A 33 -21.02 4.45 -1.01
N ARG A 34 -20.83 4.28 -2.32
CA ARG A 34 -20.21 3.06 -2.84
C ARG A 34 -18.71 3.01 -2.60
N GLN A 35 -18.08 4.15 -2.41
CA GLN A 35 -16.64 4.25 -2.21
CA GLN A 35 -16.64 4.25 -2.21
C GLN A 35 -16.37 5.23 -1.08
N PRO A 36 -15.22 5.12 -0.42
CA PRO A 36 -14.90 6.07 0.66
C PRO A 36 -14.95 7.50 0.16
N VAL A 37 -15.48 8.39 1.00
CA VAL A 37 -15.51 9.81 0.67
C VAL A 37 -14.08 10.30 0.41
N ASP A 38 -13.86 10.88 -0.77
CA ASP A 38 -12.58 11.51 -1.06
C ASP A 38 -12.74 13.03 -0.94
N PRO A 39 -12.37 13.65 0.19
CA PRO A 39 -12.67 15.08 0.36
C PRO A 39 -11.95 15.98 -0.64
N GLN A 40 -10.78 15.55 -1.14
CA GLN A 40 -10.10 16.31 -2.19
C GLN A 40 -10.94 16.33 -3.48
N LEU A 41 -11.35 15.15 -3.95
CA LEU A 41 -12.13 15.08 -5.18
C LEU A 41 -13.47 15.81 -5.05
N LEU A 42 -14.03 15.86 -3.85
CA LEU A 42 -15.37 16.39 -3.63
C LEU A 42 -15.38 17.84 -3.14
N GLY A 43 -14.22 18.44 -2.93
CA GLY A 43 -14.16 19.83 -2.49
C GLY A 43 -14.76 20.05 -1.12
N ILE A 44 -14.53 19.12 -0.21
CA ILE A 44 -15.06 19.25 1.15
C ILE A 44 -13.90 19.01 2.10
N PRO A 45 -12.90 19.92 2.14
CA PRO A 45 -11.65 19.62 2.85
C PRO A 45 -11.80 19.55 4.36
N ASP A 46 -12.94 19.92 4.91
CA ASP A 46 -13.17 19.77 6.35
C ASP A 46 -13.79 18.43 6.72
N TYR A 47 -14.08 17.58 5.73
CA TYR A 47 -14.81 16.34 5.98
C TYR A 47 -14.18 15.51 7.10
N PHE A 48 -12.87 15.24 7.00
CA PHE A 48 -12.22 14.36 7.97
C PHE A 48 -12.10 15.01 9.34
N ASP A 49 -12.18 16.35 9.41
CA ASP A 49 -12.20 17.00 10.71
C ASP A 49 -13.51 16.71 11.42
N ILE A 50 -14.59 16.61 10.66
CA ILE A 50 -15.91 16.36 11.26
C ILE A 50 -16.14 14.87 11.46
N VAL A 51 -15.70 14.05 10.50
CA VAL A 51 -16.00 12.63 10.43
C VAL A 51 -14.73 11.88 10.85
N LYS A 52 -14.69 11.41 12.09
CA LYS A 52 -13.46 10.82 12.60
C LYS A 52 -13.31 9.36 12.20
N ASN A 53 -14.40 8.66 11.90
CA ASN A 53 -14.39 7.23 11.58
C ASN A 53 -15.17 7.02 10.29
N PRO A 54 -14.59 7.35 9.14
CA PRO A 54 -15.32 7.19 7.87
C PRO A 54 -15.70 5.73 7.65
N MET A 55 -16.80 5.53 6.95
CA MET A 55 -17.27 4.19 6.62
C MET A 55 -18.06 4.27 5.33
N ASP A 56 -18.01 3.20 4.55
CA ASP A 56 -18.74 3.22 3.29
C ASP A 56 -19.08 1.79 2.91
N LEU A 57 -19.88 1.66 1.84
CA LEU A 57 -20.31 0.34 1.39
C LEU A 57 -19.13 -0.55 1.04
N SER A 58 -18.12 -0.01 0.34
CA SER A 58 -16.99 -0.85 -0.07
C SER A 58 -16.23 -1.40 1.14
N THR A 59 -16.12 -0.62 2.23
CA THR A 59 -15.41 -1.09 3.42
C THR A 59 -16.22 -2.13 4.17
N ILE A 60 -17.54 -1.96 4.23
CA ILE A 60 -18.41 -2.94 4.86
C ILE A 60 -18.35 -4.27 4.08
N LYS A 61 -18.37 -4.19 2.75
CA LYS A 61 -18.33 -5.39 1.92
C LYS A 61 -17.04 -6.17 2.13
N ARG A 62 -15.90 -5.46 2.14
CA ARG A 62 -14.62 -6.13 2.44
C ARG A 62 -14.69 -6.85 3.77
N LYS A 63 -15.21 -6.17 4.81
CA LYS A 63 -15.24 -6.80 6.12
C LYS A 63 -16.23 -7.97 6.16
N LEU A 64 -17.36 -7.85 5.47
CA LEU A 64 -18.31 -8.96 5.44
C LEU A 64 -17.75 -10.12 4.62
N ASP A 65 -17.06 -9.80 3.52
CA ASP A 65 -16.47 -10.84 2.66
C ASP A 65 -15.36 -11.61 3.36
N THR A 66 -14.60 -10.97 4.24
CA THR A 66 -13.37 -11.57 4.75
C THR A 66 -13.48 -11.97 6.23
N GLY A 67 -14.71 -12.14 6.71
CA GLY A 67 -14.94 -12.60 8.08
C GLY A 67 -14.49 -11.66 9.16
N GLN A 68 -14.56 -10.35 8.94
CA GLN A 68 -14.17 -9.40 9.97
C GLN A 68 -15.33 -9.02 10.90
N TYR A 69 -16.53 -9.54 10.65
CA TYR A 69 -17.66 -9.43 11.56
C TYR A 69 -17.90 -10.79 12.19
N GLN A 70 -17.65 -10.89 13.49
CA GLN A 70 -17.91 -12.12 14.21
C GLN A 70 -19.37 -12.22 14.65
N GLU A 71 -20.02 -11.09 14.89
CA GLU A 71 -21.39 -10.98 15.37
C GLU A 71 -22.22 -10.09 14.43
N PRO A 72 -23.48 -10.42 14.19
CA PRO A 72 -24.29 -9.56 13.30
C PRO A 72 -24.31 -8.09 13.72
N TRP A 73 -24.32 -7.82 15.02
CA TRP A 73 -24.42 -6.44 15.47
C TRP A 73 -23.22 -5.61 15.02
N GLN A 74 -22.06 -6.25 14.78
CA GLN A 74 -20.91 -5.52 14.31
C GLN A 74 -21.08 -5.06 12.88
N TYR A 75 -21.74 -5.89 12.05
CA TYR A 75 -22.10 -5.46 10.71
C TYR A 75 -23.05 -4.28 10.77
N VAL A 76 -24.09 -4.42 11.60
CA VAL A 76 -25.12 -3.38 11.69
C VAL A 76 -24.52 -2.07 12.20
N ASP A 77 -23.59 -2.14 13.15
CA ASP A 77 -22.95 -0.94 13.68
C ASP A 77 -22.18 -0.18 12.61
N ASP A 78 -21.51 -0.90 11.70
CA ASP A 78 -20.78 -0.24 10.62
C ASP A 78 -21.73 0.39 9.62
N VAL A 79 -22.86 -0.27 9.35
CA VAL A 79 -23.87 0.32 8.46
C VAL A 79 -24.37 1.63 9.05
N TRP A 80 -24.67 1.63 10.36
CA TRP A 80 -25.18 2.86 10.97
C TRP A 80 -24.10 3.91 11.15
N LEU A 81 -22.84 3.49 11.30
CA LEU A 81 -21.75 4.45 11.28
C LEU A 81 -21.73 5.22 9.97
N MET A 82 -21.85 4.52 8.85
CA MET A 82 -21.94 5.17 7.54
C MET A 82 -23.10 6.16 7.49
N PHE A 83 -24.28 5.75 7.97
CA PHE A 83 -25.43 6.66 7.93
C PHE A 83 -25.20 7.88 8.83
N ASN A 84 -24.72 7.64 10.04
CA ASN A 84 -24.52 8.74 11.00
C ASN A 84 -23.49 9.74 10.51
N ASN A 85 -22.43 9.28 9.85
CA ASN A 85 -21.44 10.20 9.28
C ASN A 85 -22.09 11.13 8.27
N ALA A 86 -22.96 10.56 7.43
CA ALA A 86 -23.61 11.32 6.37
C ALA A 86 -24.56 12.34 6.97
N TRP A 87 -25.40 11.90 7.91
CA TRP A 87 -26.33 12.82 8.56
C TRP A 87 -25.59 13.90 9.34
N LEU A 88 -24.44 13.54 9.92
CA LEU A 88 -23.66 14.52 10.67
C LEU A 88 -23.08 15.60 9.76
N TYR A 89 -22.46 15.18 8.65
CA TYR A 89 -21.67 16.12 7.84
C TYR A 89 -22.54 16.98 6.91
N ASN A 90 -23.64 16.45 6.40
CA ASN A 90 -24.45 17.13 5.40
C ASN A 90 -25.68 17.81 5.99
N ARG A 91 -26.07 18.94 5.38
CA ARG A 91 -27.29 19.65 5.76
C ARG A 91 -28.54 18.80 5.51
N LYS A 92 -29.54 18.98 6.37
CA LYS A 92 -30.75 18.16 6.27
C LYS A 92 -31.49 18.31 4.95
N THR A 93 -31.24 19.39 4.20
CA THR A 93 -31.88 19.60 2.91
C THR A 93 -31.03 19.13 1.74
N SER A 94 -29.82 18.62 1.99
CA SER A 94 -28.88 18.29 0.93
C SER A 94 -29.20 16.94 0.28
N ARG A 95 -28.66 16.78 -0.92
CA ARG A 95 -28.75 15.52 -1.67
C ARG A 95 -28.30 14.33 -0.80
N VAL A 96 -27.08 14.42 -0.26
CA VAL A 96 -26.49 13.28 0.43
C VAL A 96 -27.29 12.93 1.66
N TYR A 97 -27.73 13.96 2.41
CA TYR A 97 -28.59 13.71 3.56
C TYR A 97 -29.85 12.96 3.17
N LYS A 98 -30.49 13.39 2.07
CA LYS A 98 -31.74 12.77 1.61
C LYS A 98 -31.52 11.35 1.09
N PHE A 99 -30.43 11.15 0.37
CA PHE A 99 -30.09 9.80 -0.06
C PHE A 99 -29.81 8.92 1.14
N CYS A 100 -29.18 9.48 2.19
CA CYS A 100 -28.88 8.68 3.37
C CYS A 100 -30.16 8.16 4.01
N SER A 101 -31.13 9.05 4.25
CA SER A 101 -32.39 8.61 4.85
C SER A 101 -33.09 7.56 3.99
N LYS A 102 -33.01 7.67 2.66
CA LYS A 102 -33.61 6.63 1.83
C LYS A 102 -32.94 5.30 2.10
N LEU A 103 -31.61 5.28 2.10
CA LEU A 103 -30.87 4.04 2.35
C LEU A 103 -31.17 3.49 3.74
N ALA A 104 -31.25 4.38 4.74
CA ALA A 104 -31.58 3.87 6.07
C ALA A 104 -32.97 3.27 6.09
N GLU A 105 -33.89 3.79 5.28
CA GLU A 105 -35.22 3.18 5.21
C GLU A 105 -35.12 1.78 4.63
N VAL A 106 -34.44 1.66 3.50
CA VAL A 106 -34.28 0.35 2.91
C VAL A 106 -33.60 -0.60 3.89
N PHE A 107 -32.53 -0.13 4.55
CA PHE A 107 -31.78 -1.03 5.43
C PHE A 107 -32.63 -1.54 6.59
N GLU A 108 -33.37 -0.63 7.22
CA GLU A 108 -34.16 -1.01 8.39
C GLU A 108 -35.22 -2.05 8.02
N GLN A 109 -35.87 -1.89 6.87
CA GLN A 109 -36.86 -2.87 6.41
C GLN A 109 -36.22 -4.25 6.19
N GLU A 110 -35.00 -4.29 5.63
CA GLU A 110 -34.42 -5.58 5.29
C GLU A 110 -33.78 -6.27 6.48
N ILE A 111 -33.18 -5.51 7.39
CA ILE A 111 -32.32 -6.12 8.38
C ILE A 111 -33.11 -6.78 9.51
N ASP A 112 -34.28 -6.23 9.86
CA ASP A 112 -35.00 -6.72 11.04
C ASP A 112 -35.43 -8.17 10.90
N PRO A 113 -36.03 -8.61 9.77
CA PRO A 113 -36.26 -10.05 9.61
C PRO A 113 -34.98 -10.87 9.68
N VAL A 114 -33.88 -10.38 9.08
CA VAL A 114 -32.64 -11.15 9.10
C VAL A 114 -32.09 -11.28 10.51
N MET A 115 -32.15 -10.19 11.30
CA MET A 115 -31.69 -10.27 12.68
C MET A 115 -32.58 -11.21 13.49
N GLN A 116 -33.88 -11.19 13.22
CA GLN A 116 -34.80 -12.13 13.85
C GLN A 116 -34.42 -13.57 13.52
N SER A 117 -34.09 -13.85 12.26
CA SER A 117 -33.68 -15.21 11.87
C SER A 117 -32.28 -15.57 12.36
N LEU A 118 -31.59 -14.66 13.04
CA LEU A 118 -30.26 -14.92 13.56
C LEU A 118 -30.28 -14.88 15.09
N GLY A 119 -29.16 -14.44 15.68
CA GLY A 119 -29.06 -14.32 17.12
N LYS B 5 1.04 12.69 31.39
CA LYS B 5 1.65 13.02 30.10
C LYS B 5 0.62 12.90 28.99
N ILE B 6 -0.08 14.00 28.73
CA ILE B 6 -1.14 14.04 27.72
C ILE B 6 -0.62 14.78 26.51
N PHE B 7 -0.90 14.23 25.33
CA PHE B 7 -0.39 14.76 24.07
C PHE B 7 -1.55 15.46 23.36
N LYS B 8 -1.47 16.78 23.24
CA LYS B 8 -2.44 17.50 22.44
C LYS B 8 -2.25 17.17 20.97
N PRO B 9 -3.33 17.13 20.18
CA PRO B 9 -3.18 16.83 18.74
C PRO B 9 -2.18 17.73 18.05
N GLU B 10 -2.10 19.00 18.44
CA GLU B 10 -1.17 19.92 17.81
C GLU B 10 0.27 19.49 18.03
N GLU B 11 0.59 19.00 19.24
CA GLU B 11 1.96 18.60 19.54
C GLU B 11 2.33 17.31 18.82
N LEU B 12 1.38 16.37 18.72
CA LEU B 12 1.64 15.15 17.96
C LEU B 12 1.85 15.47 16.48
N ARG B 13 1.06 16.40 15.94
CA ARG B 13 1.22 16.76 14.53
C ARG B 13 2.56 17.42 14.26
N GLN B 14 3.00 18.36 15.12
CA GLN B 14 4.24 19.05 14.82
C GLN B 14 5.44 18.11 14.92
N ALA B 15 5.44 17.21 15.91
CA ALA B 15 6.55 16.29 16.11
C ALA B 15 6.55 15.15 15.10
N LEU B 16 5.37 14.60 14.80
CA LEU B 16 5.29 13.37 14.00
C LEU B 16 5.12 13.63 12.52
N MET B 17 4.44 14.71 12.13
CA MET B 17 4.28 14.99 10.71
C MET B 17 5.58 14.97 9.93
N PRO B 18 6.71 15.46 10.44
CA PRO B 18 7.95 15.34 9.66
C PRO B 18 8.31 13.89 9.34
N THR B 19 8.01 12.94 10.24
CA THR B 19 8.38 11.55 9.94
C THR B 19 7.49 11.00 8.83
N LEU B 20 6.21 11.38 8.81
CA LEU B 20 5.32 10.93 7.74
C LEU B 20 5.70 11.55 6.41
N GLU B 21 6.05 12.84 6.40
CA GLU B 21 6.46 13.48 5.16
C GLU B 21 7.75 12.85 4.63
N ALA B 22 8.66 12.45 5.53
CA ALA B 22 9.87 11.77 5.07
C ALA B 22 9.52 10.50 4.30
N LEU B 23 8.46 9.81 4.70
CA LEU B 23 8.06 8.61 3.97
C LEU B 23 7.48 8.97 2.60
N TYR B 24 6.59 9.96 2.55
CA TYR B 24 6.07 10.44 1.27
C TYR B 24 7.20 10.91 0.36
N ARG B 25 8.24 11.50 0.94
CA ARG B 25 9.38 11.99 0.17
C ARG B 25 10.07 10.84 -0.57
N GLN B 26 10.02 9.63 -0.03
CA GLN B 26 10.69 8.49 -0.66
C GLN B 26 9.97 8.18 -1.96
N ASP B 27 10.65 8.40 -3.07
CA ASP B 27 10.06 8.33 -4.40
C ASP B 27 11.08 7.55 -5.24
N PRO B 28 10.73 6.36 -5.75
CA PRO B 28 9.41 5.72 -5.91
C PRO B 28 8.86 4.89 -4.74
N GLU B 29 9.64 4.69 -3.67
CA GLU B 29 9.30 3.64 -2.70
C GLU B 29 7.95 3.88 -2.03
N SER B 30 7.54 5.14 -1.84
CA SER B 30 6.24 5.42 -1.22
C SER B 30 5.08 5.23 -2.17
N LEU B 31 5.32 5.10 -3.47
CA LEU B 31 4.21 5.11 -4.42
C LEU B 31 3.19 4.00 -4.20
N PRO B 32 3.56 2.75 -3.88
CA PRO B 32 2.52 1.75 -3.59
C PRO B 32 1.85 1.97 -2.24
N PHE B 33 2.28 2.94 -1.47
CA PHE B 33 1.81 3.13 -0.11
C PHE B 33 1.03 4.43 0.07
N ARG B 34 0.87 5.23 -0.98
CA ARG B 34 0.29 6.55 -0.79
C ARG B 34 -1.23 6.53 -0.70
N GLN B 35 -1.86 5.47 -1.17
CA GLN B 35 -3.31 5.33 -1.16
C GLN B 35 -3.64 3.88 -0.83
N PRO B 36 -4.86 3.61 -0.34
CA PRO B 36 -5.21 2.25 0.04
C PRO B 36 -5.09 1.30 -1.12
N VAL B 37 -4.52 0.12 -0.84
CA VAL B 37 -4.44 -0.93 -1.84
C VAL B 37 -5.85 -1.16 -2.42
N ASP B 38 -5.94 -1.12 -3.76
CA ASP B 38 -7.18 -1.43 -4.47
C ASP B 38 -6.95 -2.76 -5.18
N PRO B 39 -7.43 -3.87 -4.61
CA PRO B 39 -7.10 -5.19 -5.18
C PRO B 39 -7.70 -5.46 -6.54
N GLN B 40 -8.82 -4.80 -6.90
CA GLN B 40 -9.36 -4.95 -8.24
C GLN B 40 -8.50 -4.21 -9.27
N LEU B 41 -8.08 -2.99 -8.94
CA LEU B 41 -7.16 -2.26 -9.79
C LEU B 41 -5.87 -3.03 -10.00
N LEU B 42 -5.32 -3.60 -8.92
CA LEU B 42 -4.00 -4.21 -8.99
C LEU B 42 -4.03 -5.67 -9.41
N GLY B 43 -5.21 -6.27 -9.56
CA GLY B 43 -5.29 -7.65 -9.98
C GLY B 43 -4.80 -8.63 -8.94
N ILE B 44 -5.08 -8.36 -7.66
CA ILE B 44 -4.69 -9.27 -6.58
C ILE B 44 -5.92 -9.63 -5.77
N PRO B 45 -6.80 -10.50 -6.28
CA PRO B 45 -8.08 -10.74 -5.60
C PRO B 45 -7.97 -11.36 -4.21
N ASP B 46 -6.84 -11.98 -3.85
CA ASP B 46 -6.68 -12.55 -2.52
C ASP B 46 -6.17 -11.55 -1.47
N TYR B 47 -5.94 -10.28 -1.84
CA TYR B 47 -5.30 -9.34 -0.91
C TYR B 47 -6.06 -9.24 0.41
N PHE B 48 -7.36 -8.90 0.36
CA PHE B 48 -8.13 -8.69 1.60
C PHE B 48 -8.34 -9.98 2.40
N ASP B 49 -8.21 -11.17 1.77
CA ASP B 49 -8.25 -12.40 2.56
C ASP B 49 -7.01 -12.54 3.43
N ILE B 50 -5.88 -12.02 2.96
CA ILE B 50 -4.62 -12.08 3.69
C ILE B 50 -4.44 -10.88 4.61
N VAL B 51 -4.82 -9.69 4.16
CA VAL B 51 -4.62 -8.45 4.91
C VAL B 51 -5.97 -8.06 5.50
N LYS B 52 -6.16 -8.36 6.79
CA LYS B 52 -7.45 -8.14 7.42
C LYS B 52 -7.64 -6.70 7.85
N ASN B 53 -6.57 -5.95 8.02
CA ASN B 53 -6.62 -4.58 8.56
C ASN B 53 -5.73 -3.69 7.69
N PRO B 54 -6.23 -3.31 6.51
CA PRO B 54 -5.42 -2.52 5.57
C PRO B 54 -4.96 -1.22 6.21
N MET B 55 -3.82 -0.72 5.75
CA MET B 55 -3.35 0.58 6.23
C MET B 55 -2.40 1.16 5.19
N ASP B 56 -2.33 2.49 5.11
CA ASP B 56 -1.52 3.18 4.11
C ASP B 56 -1.24 4.60 4.60
N LEU B 57 -0.43 5.35 3.83
CA LEU B 57 0.00 6.69 4.26
C LEU B 57 -1.16 7.67 4.32
N SER B 58 -2.12 7.56 3.39
CA SER B 58 -3.23 8.52 3.38
C SER B 58 -4.13 8.33 4.60
N THR B 59 -4.26 7.09 5.07
CA THR B 59 -5.06 6.85 6.26
C THR B 59 -4.30 7.28 7.50
N ILE B 60 -2.99 7.08 7.52
CA ILE B 60 -2.20 7.54 8.67
C ILE B 60 -2.20 9.06 8.74
N LYS B 61 -2.09 9.72 7.57
CA LYS B 61 -2.11 11.17 7.51
C LYS B 61 -3.45 11.72 7.99
N ARG B 62 -4.56 11.10 7.59
CA ARG B 62 -5.85 11.54 8.08
C ARG B 62 -5.93 11.44 9.59
N LYS B 63 -5.52 10.30 10.14
CA LYS B 63 -5.59 10.12 11.58
C LYS B 63 -4.70 11.11 12.33
N LEU B 64 -3.50 11.36 11.80
CA LEU B 64 -2.63 12.35 12.45
C LEU B 64 -3.18 13.76 12.28
N ASP B 65 -3.62 14.10 11.07
CA ASP B 65 -4.23 15.41 10.82
C ASP B 65 -5.37 15.70 11.77
N THR B 66 -6.19 14.70 12.06
CA THR B 66 -7.45 14.93 12.75
C THR B 66 -7.45 14.40 14.17
N GLY B 67 -6.27 14.18 14.75
CA GLY B 67 -6.19 13.94 16.18
C GLY B 67 -6.64 12.56 16.62
N GLN B 68 -6.54 11.57 15.76
CA GLN B 68 -7.02 10.25 16.13
C GLN B 68 -5.99 9.44 16.91
N TYR B 69 -4.76 9.92 17.07
CA TYR B 69 -3.78 9.27 17.93
C TYR B 69 -3.68 10.04 19.24
N GLN B 70 -3.79 9.33 20.36
CA GLN B 70 -3.57 9.93 21.67
C GLN B 70 -2.10 9.92 22.05
N GLU B 71 -1.36 8.90 21.63
CA GLU B 71 0.02 8.65 22.02
C GLU B 71 0.88 8.44 20.78
N PRO B 72 2.14 8.88 20.83
CA PRO B 72 3.01 8.71 19.65
C PRO B 72 3.14 7.27 19.22
N TRP B 73 3.14 6.32 20.16
CA TRP B 73 3.26 4.92 19.79
C TRP B 73 2.05 4.39 19.04
N GLN B 74 0.88 5.05 19.14
CA GLN B 74 -0.24 4.61 18.31
C GLN B 74 -0.02 5.00 16.84
N TYR B 75 0.59 6.15 16.63
CA TYR B 75 1.00 6.52 15.27
C TYR B 75 2.03 5.52 14.73
N VAL B 76 3.03 5.20 15.54
CA VAL B 76 4.06 4.26 15.10
C VAL B 76 3.44 2.90 14.82
N ASP B 77 2.48 2.49 15.62
CA ASP B 77 1.91 1.18 15.38
C ASP B 77 1.11 1.15 14.09
N ASP B 78 0.48 2.26 13.69
CA ASP B 78 -0.15 2.27 12.37
C ASP B 78 0.89 2.21 11.27
N VAL B 79 2.04 2.86 11.46
CA VAL B 79 3.11 2.78 10.44
C VAL B 79 3.58 1.33 10.28
N TRP B 80 3.78 0.65 11.39
CA TRP B 80 4.19 -0.75 11.30
C TRP B 80 3.09 -1.64 10.77
N LEU B 81 1.81 -1.32 11.04
CA LEU B 81 0.76 -2.13 10.44
C LEU B 81 0.87 -2.05 8.93
N MET B 82 1.05 -0.85 8.40
CA MET B 82 1.31 -0.68 6.97
C MET B 82 2.49 -1.53 6.53
N PHE B 83 3.59 -1.46 7.28
CA PHE B 83 4.76 -2.25 6.89
C PHE B 83 4.46 -3.73 6.95
N ASN B 84 3.88 -4.17 8.06
CA ASN B 84 3.67 -5.60 8.24
C ASN B 84 2.68 -6.14 7.22
N ASN B 85 1.66 -5.36 6.87
CA ASN B 85 0.77 -5.77 5.81
C ASN B 85 1.54 -6.09 4.53
N ALA B 86 2.44 -5.20 4.13
CA ALA B 86 3.15 -5.38 2.87
C ALA B 86 4.13 -6.54 2.94
N TRP B 87 4.81 -6.71 4.07
CA TRP B 87 5.75 -7.83 4.20
C TRP B 87 5.04 -9.17 4.25
N LEU B 88 3.80 -9.20 4.77
CA LEU B 88 3.06 -10.45 4.85
C LEU B 88 2.53 -10.84 3.48
N TYR B 89 1.99 -9.87 2.74
CA TYR B 89 1.31 -10.20 1.49
C TYR B 89 2.30 -10.51 0.38
N ASN B 90 3.37 -9.73 0.27
CA ASN B 90 4.30 -9.76 -0.84
C ASN B 90 5.51 -10.63 -0.52
N ARG B 91 6.06 -11.28 -1.54
CA ARG B 91 7.23 -12.14 -1.35
C ARG B 91 8.49 -11.29 -1.22
N LYS B 92 9.53 -11.88 -0.60
CA LYS B 92 10.68 -11.11 -0.16
C LYS B 92 11.47 -10.49 -1.32
N THR B 93 11.38 -11.05 -2.53
CA THR B 93 12.06 -10.55 -3.71
C THR B 93 11.25 -9.54 -4.51
N SER B 94 10.01 -9.31 -4.12
CA SER B 94 9.12 -8.43 -4.87
C SER B 94 9.48 -6.96 -4.67
N ARG B 95 9.09 -6.15 -5.65
N ARG B 95 9.11 -6.14 -5.65
CA ARG B 95 9.32 -4.71 -5.59
CA ARG B 95 9.32 -4.70 -5.58
C ARG B 95 8.63 -4.08 -4.39
C ARG B 95 8.63 -4.09 -4.36
N VAL B 96 7.41 -4.53 -4.06
CA VAL B 96 6.68 -3.91 -2.97
C VAL B 96 7.33 -4.29 -1.63
N TYR B 97 7.75 -5.54 -1.49
CA TYR B 97 8.51 -5.92 -0.30
C TYR B 97 9.77 -5.09 -0.17
N LYS B 98 10.47 -4.86 -1.28
CA LYS B 98 11.72 -4.10 -1.22
C LYS B 98 11.46 -2.62 -0.92
N PHE B 99 10.39 -2.06 -1.48
CA PHE B 99 10.03 -0.68 -1.20
C PHE B 99 9.63 -0.51 0.26
N CYS B 100 9.00 -1.53 0.83
CA CYS B 100 8.59 -1.48 2.22
C CYS B 100 9.78 -1.42 3.16
N SER B 101 10.77 -2.29 2.93
CA SER B 101 11.95 -2.28 3.77
C SER B 101 12.69 -0.96 3.69
N LYS B 102 12.69 -0.33 2.51
CA LYS B 102 13.33 0.97 2.36
C LYS B 102 12.59 2.05 3.15
N LEU B 103 11.25 2.07 3.05
CA LEU B 103 10.48 2.99 3.88
C LEU B 103 10.74 2.73 5.34
N ALA B 104 10.83 1.46 5.74
CA ALA B 104 11.04 1.10 7.14
C ALA B 104 12.39 1.58 7.64
N GLU B 105 13.43 1.48 6.80
CA GLU B 105 14.73 2.02 7.16
C GLU B 105 14.66 3.53 7.35
N VAL B 106 14.08 4.23 6.37
CA VAL B 106 13.97 5.68 6.46
C VAL B 106 13.20 6.07 7.71
N PHE B 107 12.09 5.39 7.98
CA PHE B 107 11.29 5.68 9.17
C PHE B 107 12.09 5.48 10.46
N GLU B 108 12.82 4.36 10.54
CA GLU B 108 13.59 4.12 11.76
C GLU B 108 14.58 5.23 12.03
N GLN B 109 15.20 5.78 10.98
CA GLN B 109 16.12 6.90 11.17
C GLN B 109 15.39 8.14 11.67
N GLU B 110 14.18 8.38 11.16
CA GLU B 110 13.43 9.57 11.52
C GLU B 110 12.82 9.48 12.90
N ILE B 111 12.34 8.30 13.31
CA ILE B 111 11.50 8.26 14.50
C ILE B 111 12.31 8.39 15.78
N ASP B 112 13.58 7.99 15.77
CA ASP B 112 14.32 7.99 17.04
C ASP B 112 14.51 9.38 17.61
N PRO B 113 15.11 10.35 16.90
CA PRO B 113 15.26 11.67 17.51
C PRO B 113 13.95 12.28 17.95
N VAL B 114 12.87 12.02 17.19
CA VAL B 114 11.58 12.60 17.53
C VAL B 114 11.03 12.00 18.81
N MET B 115 11.20 10.69 19.00
CA MET B 115 10.75 10.06 20.23
C MET B 115 11.57 10.53 21.42
N GLN B 116 12.86 10.79 21.22
CA GLN B 116 13.72 11.31 22.28
C GLN B 116 13.29 12.71 22.70
N SER B 117 12.92 13.56 21.73
CA SER B 117 12.38 14.88 22.06
C SER B 117 11.08 14.77 22.83
N LEU B 118 10.19 13.89 22.39
CA LEU B 118 8.80 13.83 22.84
C LEU B 118 8.65 13.34 24.30
N GLY B 119 9.65 12.63 24.81
CA GLY B 119 9.56 12.04 26.13
N PHE C 7 25.47 -23.42 -1.83
CA PHE C 7 25.40 -22.81 -3.15
C PHE C 7 26.76 -22.72 -3.81
N LYS C 8 26.98 -23.61 -4.77
CA LYS C 8 28.15 -23.48 -5.60
C LYS C 8 27.86 -22.54 -6.77
N PRO C 9 28.90 -21.93 -7.32
CA PRO C 9 28.69 -20.99 -8.44
C PRO C 9 27.85 -21.52 -9.59
N GLU C 10 28.10 -22.74 -10.10
CA GLU C 10 27.35 -23.13 -11.30
C GLU C 10 25.87 -23.34 -10.98
N GLU C 11 25.56 -23.77 -9.76
CA GLU C 11 24.15 -23.83 -9.34
C GLU C 11 23.52 -22.44 -9.40
N LEU C 12 24.13 -21.47 -8.72
CA LEU C 12 23.63 -20.09 -8.79
C LEU C 12 23.60 -19.58 -10.23
N ARG C 13 24.64 -19.87 -11.00
CA ARG C 13 24.72 -19.43 -12.38
C ARG C 13 23.58 -20.00 -13.22
N GLN C 14 23.39 -21.32 -13.20
CA GLN C 14 22.36 -21.89 -14.06
C GLN C 14 20.96 -21.51 -13.60
N ALA C 15 20.80 -21.19 -12.32
CA ALA C 15 19.48 -20.77 -11.83
C ALA C 15 19.26 -19.28 -12.06
N LEU C 16 20.24 -18.45 -11.70
CA LEU C 16 20.05 -16.99 -11.72
C LEU C 16 20.34 -16.36 -13.09
N MET C 17 21.37 -16.84 -13.81
CA MET C 17 21.71 -16.24 -15.11
C MET C 17 20.52 -16.14 -16.06
N PRO C 18 19.61 -17.12 -16.14
CA PRO C 18 18.42 -16.92 -16.97
C PRO C 18 17.59 -15.69 -16.60
N THR C 19 17.58 -15.30 -15.32
CA THR C 19 16.82 -14.09 -14.96
C THR C 19 17.51 -12.85 -15.50
N LEU C 20 18.84 -12.87 -15.60
CA LEU C 20 19.59 -11.76 -16.15
C LEU C 20 19.42 -11.64 -17.66
N GLU C 21 19.46 -12.77 -18.37
CA GLU C 21 19.29 -12.74 -19.83
C GLU C 21 17.91 -12.23 -20.22
N ALA C 22 16.89 -12.52 -19.42
CA ALA C 22 15.58 -11.93 -19.66
C ALA C 22 15.67 -10.41 -19.72
N LEU C 23 16.47 -9.82 -18.84
CA LEU C 23 16.67 -8.38 -18.87
C LEU C 23 17.40 -7.96 -20.14
N TYR C 24 18.51 -8.65 -20.44
CA TYR C 24 19.28 -8.35 -21.66
C TYR C 24 18.40 -8.38 -22.89
N ARG C 25 17.45 -9.33 -22.93
CA ARG C 25 16.61 -9.51 -24.10
C ARG C 25 15.63 -8.35 -24.33
N GLN C 26 15.30 -7.57 -23.31
CA GLN C 26 14.40 -6.44 -23.52
C GLN C 26 15.08 -5.43 -24.42
N ASP C 27 14.54 -5.24 -25.62
CA ASP C 27 15.08 -4.30 -26.60
C ASP C 27 14.01 -3.27 -26.91
N PRO C 28 14.28 -1.96 -26.72
CA PRO C 28 15.56 -1.34 -26.36
C PRO C 28 15.73 -1.03 -24.89
N GLU C 29 14.78 -1.45 -24.06
CA GLU C 29 14.77 -1.09 -22.64
C GLU C 29 16.08 -1.47 -21.93
N SER C 30 16.82 -2.48 -22.42
CA SER C 30 18.09 -2.89 -21.85
C SER C 30 19.24 -1.91 -22.11
N LEU C 31 19.21 -1.19 -23.22
CA LEU C 31 20.39 -0.45 -23.66
C LEU C 31 21.02 0.46 -22.61
N PRO C 32 20.28 1.26 -21.82
CA PRO C 32 20.96 2.10 -20.81
C PRO C 32 21.64 1.31 -19.69
N PHE C 33 21.41 0.00 -19.60
CA PHE C 33 21.81 -0.82 -18.45
C PHE C 33 22.90 -1.84 -18.79
N ARG C 34 23.31 -1.92 -20.06
CA ARG C 34 24.24 -2.97 -20.48
C ARG C 34 25.69 -2.70 -20.09
N GLN C 35 26.04 -1.46 -19.78
CA GLN C 35 27.40 -1.09 -19.41
C GLN C 35 27.31 -0.13 -18.24
N PRO C 36 28.35 -0.07 -17.40
CA PRO C 36 28.34 0.91 -16.31
C PRO C 36 28.12 2.31 -16.85
N VAL C 37 27.30 3.09 -16.13
CA VAL C 37 27.10 4.49 -16.51
C VAL C 37 28.45 5.20 -16.49
N ASP C 38 28.80 5.84 -17.61
CA ASP C 38 29.98 6.68 -17.70
C ASP C 38 29.54 8.13 -17.67
N PRO C 39 29.62 8.80 -16.52
CA PRO C 39 29.15 10.21 -16.45
C PRO C 39 29.77 11.13 -17.48
N GLN C 40 31.07 10.98 -17.78
CA GLN C 40 31.72 11.88 -18.73
C GLN C 40 31.18 11.67 -20.14
N LEU C 41 31.19 10.42 -20.62
CA LEU C 41 30.66 10.12 -21.95
C LEU C 41 29.21 10.56 -22.10
N LEU C 42 28.42 10.46 -21.03
CA LEU C 42 27.00 10.76 -21.12
C LEU C 42 26.66 12.18 -20.71
N GLY C 43 27.65 12.97 -20.32
CA GLY C 43 27.39 14.36 -19.99
C GLY C 43 26.53 14.54 -18.75
N ILE C 44 26.70 13.68 -17.75
CA ILE C 44 26.02 13.84 -16.46
C ILE C 44 27.05 13.81 -15.33
N PRO C 45 27.95 14.80 -15.27
CA PRO C 45 29.04 14.74 -14.30
C PRO C 45 28.61 14.68 -12.84
N ASP C 46 27.35 14.96 -12.51
CA ASP C 46 26.88 14.85 -11.12
C ASP C 46 26.41 13.44 -10.75
N TYR C 47 26.61 12.46 -11.62
CA TYR C 47 26.01 11.14 -11.41
C TYR C 47 26.48 10.50 -10.11
N PHE C 48 27.80 10.45 -9.90
CA PHE C 48 28.33 9.79 -8.70
C PHE C 48 28.02 10.56 -7.43
N ASP C 49 27.58 11.81 -7.53
CA ASP C 49 27.11 12.53 -6.35
C ASP C 49 25.77 12.00 -5.86
N ILE C 50 24.95 11.46 -6.75
CA ILE C 50 23.62 10.98 -6.41
C ILE C 50 23.59 9.47 -6.24
N VAL C 51 24.38 8.75 -7.03
CA VAL C 51 24.42 7.29 -7.02
C VAL C 51 25.71 6.90 -6.29
N LYS C 52 25.57 6.44 -5.04
CA LYS C 52 26.75 6.12 -4.25
C LYS C 52 27.43 4.86 -4.77
N ASN C 53 26.64 3.84 -5.12
CA ASN C 53 27.14 2.51 -5.51
C ASN C 53 26.56 2.08 -6.85
N PRO C 54 27.22 2.41 -7.95
CA PRO C 54 26.68 2.08 -9.27
C PRO C 54 26.64 0.58 -9.51
N MET C 55 25.73 0.15 -10.38
CA MET C 55 25.56 -1.25 -10.76
C MET C 55 24.91 -1.31 -12.14
N ASP C 56 25.19 -2.40 -12.87
CA ASP C 56 24.66 -2.57 -14.21
C ASP C 56 24.71 -4.05 -14.55
N LEU C 57 24.14 -4.40 -15.71
CA LEU C 57 23.99 -5.79 -16.12
C LEU C 57 25.35 -6.49 -16.30
N SER C 58 26.33 -5.79 -16.87
CA SER C 58 27.61 -6.44 -17.13
C SER C 58 28.36 -6.73 -15.84
N THR C 59 28.23 -5.84 -14.84
CA THR C 59 28.89 -6.10 -13.57
C THR C 59 28.24 -7.28 -12.86
N ILE C 60 26.91 -7.39 -12.96
CA ILE C 60 26.21 -8.52 -12.35
C ILE C 60 26.59 -9.81 -13.06
N LYS C 61 26.60 -9.78 -14.41
CA LYS C 61 26.89 -10.96 -15.20
C LYS C 61 28.28 -11.50 -14.90
N ARG C 62 29.28 -10.61 -14.84
CA ARG C 62 30.63 -11.03 -14.49
C ARG C 62 30.69 -11.61 -13.08
N LYS C 63 29.92 -11.04 -12.15
CA LYS C 63 29.91 -11.62 -10.80
C LYS C 63 29.36 -13.04 -10.84
N LEU C 64 28.34 -13.28 -11.68
CA LEU C 64 27.85 -14.65 -11.88
C LEU C 64 28.90 -15.52 -12.58
N ASP C 65 29.61 -14.95 -13.57
CA ASP C 65 30.61 -15.72 -14.32
C ASP C 65 31.83 -16.08 -13.47
N THR C 66 32.13 -15.27 -12.46
CA THR C 66 33.32 -15.46 -11.65
C THR C 66 33.03 -16.11 -10.31
N GLY C 67 31.79 -16.52 -10.07
CA GLY C 67 31.44 -17.13 -8.81
C GLY C 67 31.75 -16.25 -7.62
N GLN C 68 31.37 -14.98 -7.72
CA GLN C 68 31.60 -14.02 -6.64
C GLN C 68 30.34 -13.78 -5.80
N TYR C 69 29.22 -14.42 -6.15
CA TYR C 69 28.03 -14.45 -5.30
C TYR C 69 28.06 -15.70 -4.42
N GLN C 70 28.16 -15.49 -3.11
CA GLN C 70 28.06 -16.62 -2.18
C GLN C 70 26.63 -17.08 -2.01
N GLU C 71 25.69 -16.15 -1.86
CA GLU C 71 24.28 -16.43 -1.66
C GLU C 71 23.47 -15.75 -2.77
N PRO C 72 22.30 -16.30 -3.12
CA PRO C 72 21.52 -15.69 -4.21
C PRO C 72 20.96 -14.31 -3.86
N TRP C 73 20.77 -14.02 -2.57
CA TRP C 73 20.32 -12.69 -2.19
CA TRP C 73 20.30 -12.68 -2.22
C TRP C 73 21.35 -11.62 -2.48
N GLN C 74 22.61 -12.00 -2.69
CA GLN C 74 23.62 -11.04 -3.11
C GLN C 74 23.36 -10.59 -4.55
N TYR C 75 22.92 -11.51 -5.41
CA TYR C 75 22.55 -11.19 -6.78
C TYR C 75 21.23 -10.44 -6.85
N VAL C 76 20.27 -10.82 -6.01
CA VAL C 76 18.99 -10.12 -6.02
C VAL C 76 19.18 -8.68 -5.61
N ASP C 77 20.01 -8.45 -4.58
CA ASP C 77 20.24 -7.09 -4.12
C ASP C 77 20.96 -6.26 -5.17
N ASP C 78 21.92 -6.87 -5.87
CA ASP C 78 22.63 -6.19 -6.95
C ASP C 78 21.66 -5.74 -8.05
N VAL C 79 20.74 -6.63 -8.46
CA VAL C 79 19.81 -6.29 -9.54
C VAL C 79 18.90 -5.14 -9.12
N TRP C 80 18.32 -5.24 -7.92
CA TRP C 80 17.48 -4.14 -7.44
C TRP C 80 18.27 -2.87 -7.26
N LEU C 81 19.56 -2.99 -6.90
CA LEU C 81 20.39 -1.80 -6.78
C LEU C 81 20.47 -1.06 -8.11
N MET C 82 20.58 -1.81 -9.21
CA MET C 82 20.62 -1.22 -10.54
C MET C 82 19.33 -0.47 -10.85
N PHE C 83 18.19 -1.12 -10.59
CA PHE C 83 16.91 -0.45 -10.77
C PHE C 83 16.79 0.78 -9.88
N ASN C 84 17.19 0.65 -8.61
CA ASN C 84 17.06 1.76 -7.68
C ASN C 84 17.91 2.94 -8.12
N ASN C 85 19.16 2.67 -8.50
CA ASN C 85 20.03 3.72 -9.01
C ASN C 85 19.36 4.51 -10.14
N ALA C 86 18.74 3.80 -11.09
CA ALA C 86 18.18 4.46 -12.26
C ALA C 86 16.91 5.22 -11.92
N TRP C 87 16.04 4.66 -11.08
CA TRP C 87 14.86 5.41 -10.64
C TRP C 87 15.25 6.61 -9.78
N LEU C 88 16.39 6.53 -9.08
CA LEU C 88 16.83 7.61 -8.22
C LEU C 88 17.39 8.77 -9.03
N TYR C 89 18.22 8.47 -10.03
CA TYR C 89 18.95 9.53 -10.69
C TYR C 89 18.09 10.24 -11.73
N ASN C 90 17.26 9.50 -12.45
CA ASN C 90 16.46 10.03 -13.54
C ASN C 90 15.05 10.37 -13.09
N ARG C 91 14.44 11.33 -13.78
CA ARG C 91 13.09 11.76 -13.49
C ARG C 91 12.10 10.78 -14.06
N LYS C 92 10.90 10.75 -13.45
CA LYS C 92 9.87 9.81 -13.90
C LYS C 92 9.45 10.08 -15.33
N THR C 93 9.76 11.26 -15.84
CA THR C 93 9.42 11.71 -17.17
C THR C 93 10.44 11.27 -18.22
N SER C 94 11.52 10.61 -17.82
CA SER C 94 12.60 10.27 -18.72
C SER C 94 12.49 8.84 -19.28
N ARG C 95 13.16 8.65 -20.39
CA ARG C 95 13.25 7.33 -21.01
C ARG C 95 13.94 6.32 -20.11
N VAL C 96 15.05 6.72 -19.47
CA VAL C 96 15.79 5.75 -18.67
C VAL C 96 14.96 5.28 -17.49
N TYR C 97 14.14 6.18 -16.93
CA TYR C 97 13.22 5.78 -15.87
C TYR C 97 12.14 4.85 -16.39
N LYS C 98 11.58 5.16 -17.55
CA LYS C 98 10.50 4.32 -18.05
C LYS C 98 11.03 2.94 -18.43
N PHE C 99 12.20 2.89 -19.05
CA PHE C 99 12.85 1.60 -19.34
C PHE C 99 13.11 0.81 -18.06
N CYS C 100 13.62 1.48 -17.02
CA CYS C 100 13.92 0.82 -15.75
C CYS C 100 12.70 0.12 -15.15
N SER C 101 11.53 0.77 -15.17
CA SER C 101 10.36 0.13 -14.60
C SER C 101 9.95 -1.10 -15.41
N LYS C 102 10.10 -1.04 -16.73
CA LYS C 102 9.84 -2.20 -17.58
C LYS C 102 10.74 -3.38 -17.21
N LEU C 103 12.05 -3.14 -17.11
CA LEU C 103 12.95 -4.21 -16.71
C LEU C 103 12.63 -4.72 -15.30
N ALA C 104 12.25 -3.81 -14.39
CA ALA C 104 12.01 -4.22 -13.02
C ALA C 104 10.78 -5.12 -12.89
N GLU C 105 9.80 -4.96 -13.78
CA GLU C 105 8.64 -5.84 -13.72
C GLU C 105 9.03 -7.25 -14.18
N VAL C 106 9.90 -7.34 -15.19
CA VAL C 106 10.31 -8.63 -15.71
C VAL C 106 11.07 -9.40 -14.64
N PHE C 107 12.08 -8.77 -14.06
CA PHE C 107 12.87 -9.43 -13.03
C PHE C 107 12.01 -9.91 -11.88
N GLU C 108 11.12 -9.05 -11.39
CA GLU C 108 10.18 -9.42 -10.34
C GLU C 108 9.49 -10.74 -10.66
N GLN C 109 8.91 -10.84 -11.87
CA GLN C 109 8.26 -12.08 -12.28
C GLN C 109 9.23 -13.27 -12.20
N GLU C 110 10.43 -13.10 -12.77
CA GLU C 110 11.35 -14.22 -12.92
C GLU C 110 11.93 -14.68 -11.58
N ILE C 111 12.40 -13.73 -10.77
CA ILE C 111 13.27 -14.11 -9.65
C ILE C 111 12.53 -14.93 -8.58
N ASP C 112 11.21 -14.86 -8.53
CA ASP C 112 10.48 -15.48 -7.42
C ASP C 112 10.53 -17.00 -7.46
N PRO C 113 10.05 -17.67 -8.52
CA PRO C 113 10.15 -19.15 -8.53
C PRO C 113 11.59 -19.63 -8.44
N VAL C 114 12.52 -18.89 -9.05
CA VAL C 114 13.92 -19.29 -9.03
C VAL C 114 14.48 -19.21 -7.60
N MET C 115 14.23 -18.08 -6.92
CA MET C 115 14.78 -17.90 -5.57
C MET C 115 14.29 -18.99 -4.62
N GLN C 116 13.03 -19.39 -4.75
CA GLN C 116 12.47 -20.40 -3.85
C GLN C 116 13.07 -21.77 -4.13
N SER C 117 13.30 -22.11 -5.40
CA SER C 117 13.93 -23.37 -5.76
C SER C 117 15.32 -23.52 -5.16
N LEU C 118 15.90 -22.45 -4.64
CA LEU C 118 17.14 -22.51 -3.87
C LEU C 118 16.84 -22.08 -2.43
N GLY C 119 17.58 -21.14 -1.85
CA GLY C 119 17.30 -20.69 -0.49
C GLY C 119 17.63 -21.71 0.59
C10 LU5 D . -20.77 13.02 0.10
C13 LU5 D . -21.24 9.67 1.94
C17 LU5 D . -20.63 15.25 1.05
C21 LU5 D . -20.46 11.11 -4.78
C22 LU5 D . -20.42 10.21 -5.85
C24 LU5 D . -17.94 9.43 -5.89
C28 LU5 D . -25.97 11.17 -8.44
C02 LU5 D . -24.99 11.22 -7.27
C04 LU5 D . -22.55 11.04 -6.63
C05 LU5 D . -22.60 11.97 -5.58
C06 LU5 D . -21.53 11.99 -4.67
C07 LU5 D . -21.57 12.98 -3.49
C09 LU5 D . -20.64 13.61 -1.21
C11 LU5 D . -20.93 11.62 0.32
C12 LU5 D . -21.08 11.16 1.63
C16 LU5 D . -20.77 13.85 1.20
C18 LU5 D . -20.49 15.80 -0.22
C19 LU5 D . -20.49 14.99 -1.37
C25 LU5 D . -17.39 10.72 -5.25
C27 LU5 D . -21.47 10.19 -6.76
C29 LU5 D . -25.57 11.15 -9.76
C30 LU5 D . -26.73 11.12 -10.53
C31 LU5 D . -27.80 11.12 -9.64
N03 LU5 D . -23.60 10.98 -7.61
N08 LU5 D . -20.64 12.72 -2.40
N14 LU5 D . -21.04 12.00 2.67
N15 LU5 D . -20.90 13.35 2.49
N23 LU5 D . -19.36 9.24 -6.11
O01 LU5 D . -25.35 11.44 -6.17
O20 LU5 D . -22.32 13.89 -3.52
O26 LU5 D . -17.17 8.54 -6.17
O32 LU5 D . -27.31 11.18 -8.39
C10 LU5 E . 0.92 -3.51 -3.59
C13 LU5 E . 1.24 -1.63 -0.28
C17 LU5 E . 0.69 -5.89 -4.06
C21 LU5 E . 0.80 0.75 -6.75
C22 LU5 E . 0.83 2.11 -7.14
C24 LU5 E . -1.69 2.80 -7.04
C28 LU5 E . 6.68 2.52 -9.34
C02 LU5 E . 5.58 1.74 -8.60
C04 LU5 E . 3.10 1.78 -7.97
C05 LU5 E . 3.06 0.43 -7.60
C06 LU5 E . 1.90 -0.08 -7.00
C07 LU5 E . 1.87 -1.57 -6.58
C09 LU5 E . 0.88 -3.27 -5.00
C11 LU5 E . 1.06 -2.45 -2.66
C12 LU5 E . 1.09 -2.76 -1.30
C16 LU5 E . 0.84 -4.81 -3.13
C18 LU5 E . 0.67 -5.65 -5.43
C19 LU5 E . 0.76 -4.33 -5.91
C25 LU5 E . -2.24 1.38 -7.31
C27 LU5 E . 2.00 2.61 -7.74
C29 LU5 E . 6.47 3.69 -10.06
C30 LU5 E . 7.72 4.06 -10.55
C31 LU5 E . 8.64 3.11 -10.14
N03 LU5 E . 4.26 2.35 -8.61
N08 LU5 E . 0.98 -1.89 -5.47
N14 LU5 E . 1.00 -4.04 -0.87
N15 LU5 E . 0.85 -5.09 -1.77
N23 LU5 E . -0.26 3.06 -6.95
O01 LU5 E . 5.85 0.74 -8.05
O20 LU5 E . 2.52 -2.40 -7.13
O26 LU5 E . -2.46 3.70 -6.89
O32 LU5 E . 7.99 2.19 -9.41
C1 EDO F . 5.30 20.59 3.53
C1 EDO F . 5.61 19.75 3.58
O1 EDO F . 5.78 19.27 3.21
O1 EDO F . 4.32 19.37 3.08
C2 EDO F . 5.04 20.71 5.02
C2 EDO F . 5.46 20.84 4.63
O2 EDO F . 6.25 20.46 5.76
O2 EDO F . 5.07 22.07 4.02
C1 EDO G . 3.56 20.46 0.44
C1 EDO G . 3.67 20.33 0.19
O1 EDO G . 2.79 19.26 0.51
O1 EDO G . 2.58 19.40 0.29
C2 EDO G . 3.23 21.22 -0.84
C2 EDO G . 3.42 21.34 -0.92
O2 EDO G . 3.59 22.60 -0.70
O2 EDO G . 3.48 20.68 -2.20
C1 EDO H . 0.77 -16.77 -6.72
C1 EDO H . 0.10 -17.17 -6.62
O1 EDO H . -0.48 -17.11 -7.32
O1 EDO H . -1.26 -16.94 -7.00
C2 EDO H . 1.01 -15.28 -6.83
C2 EDO H . 0.85 -15.84 -6.54
O2 EDO H . -0.10 -14.58 -6.27
O2 EDO H . 2.21 -16.11 -6.18
C10 LU5 I . 21.54 6.59 -17.91
C13 LU5 I . 21.26 3.25 -16.03
C17 LU5 I . 21.32 8.88 -17.08
C21 LU5 I . 22.85 4.72 -22.63
C22 LU5 I . 23.19 3.81 -23.63
C24 LU5 I . 25.78 3.66 -23.39
C28 LU5 I . 17.84 3.73 -26.88
C02 LU5 I . 18.68 3.94 -25.62
C04 LU5 I . 21.05 4.19 -24.70
C05 LU5 I . 20.71 5.13 -23.72
C06 LU5 I . 21.61 5.36 -22.69
C07 LU5 I . 21.28 6.39 -21.57
C09 LU5 I . 21.76 7.14 -19.20
C11 LU5 I . 21.52 5.20 -17.67
C12 LU5 I . 21.28 4.75 -16.37
C16 LU5 I . 21.31 7.46 -16.87
C18 LU5 I . 21.54 9.40 -18.34
C19 LU5 I . 21.78 8.51 -19.42
C25 LU5 I . 26.02 5.15 -23.05
C27 LU5 I . 22.28 3.54 -24.66
C29 LU5 I . 18.28 3.97 -28.18
C30 LU5 I . 17.22 3.68 -29.02
C31 LU5 I . 16.14 3.30 -28.23
N03 LU5 I . 20.13 3.95 -25.80
N08 LU5 I . 22.00 6.21 -20.32
N14 LU5 I . 21.08 5.62 -15.39
N15 LU5 I . 21.08 6.98 -15.60
N23 LU5 I . 24.47 3.08 -23.64
O01 LU5 I . 18.16 4.10 -24.56
O20 LU5 I . 20.50 7.27 -21.77
O26 LU5 I . 26.72 2.95 -23.45
O32 LU5 I . 16.55 3.34 -26.94
#